data_6S8U
#
_entry.id   6S8U
#
_cell.length_a   142.410
_cell.length_b   142.410
_cell.length_c   224.225
_cell.angle_alpha   90.000
_cell.angle_beta   90.000
_cell.angle_gamma   120.000
#
_symmetry.space_group_name_H-M   'P 65 2 2'
#
loop_
_entity.id
_entity.type
_entity.pdbx_description
1 polymer 'Erythrocyte membrane protein 1'
2 polymer 'Intercellular adhesion molecule 1'
3 branched 2-acetamido-2-deoxy-beta-D-glucopyranose-(1-4)-2-acetamido-2-deoxy-beta-D-glucopyranose
4 non-polymer 2-acetamido-2-deoxy-beta-D-glucopyranose
#
loop_
_entity_poly.entity_id
_entity_poly.type
_entity_poly.pdbx_seq_one_letter_code
_entity_poly.pdbx_strand_id
1 'polypeptide(L)'
;PCVVGGQADTIYPAIANQMAHQMHEDAQTEASKRGLAKLRADAKQGIYKKNRKPQELSNICNITLQHSNDSRNGNNGGAC
TGKDGNNERFKIGTEWKIGEKVETTDTDAYIPPRRQHMCTSNLENLNVSWVTEDGKAIHSLLGDVQLAAKMDADEIIKRY
KKHNTLTDPIQQKDQESICRAVRYSFADLGDIIRGRDLWEHGDQTKLQGHLQIIFGKIKEEIKKKHPGINGNDKYKGDEK
NNPPYKQLREDWWEANRHQVWRAMQCELKNLKKSNGDCHYNSRGTPLDDYIPQRLRWMVEWAEWFCKMQSQEYDKLMKQC
SQCMSKGGDCRKGDVNCTSCEQACEEYKKKIKKWEKQWNKIKDKYEELYLQAKIAFAGTSFGGGDRDYQQMVHFFKELQK
VTGDTTLGDTTSPYSTAAGYIHQEGHVDECTEQTQFCKNRNGNTASGKEDDNYTFKDPPPKYANACKCD
;
A
2 'polypeptide(L)'
;QTSVSPSKVILPRGGSVLVTCSTSCDQPKLLGIETPLPKKELLLPGNNRKVYELSNVQEDSQPMCYSNCPDGQSTAKTFL
TVYWTPERVELAPLPSWQPVGKNLTLRCQVEGGAPRANLTVVLLRGEKELKREPAVGEPAEVTTTVLVRRDHHGANFSCR
TELDLRPQGLELFENTSAPYQLQTFG
;
B
#
# COMPACT_ATOMS: atom_id res chain seq x y z
N PRO A 1 21.85 5.69 -13.30
CA PRO A 1 22.95 5.06 -14.06
C PRO A 1 22.81 3.54 -14.11
N CYS A 2 23.31 2.94 -15.19
CA CYS A 2 23.05 1.54 -15.47
C CYS A 2 24.13 0.93 -16.36
N ASP A 9 30.63 3.32 -13.78
CA ASP A 9 31.32 3.96 -12.67
C ASP A 9 31.55 2.97 -11.54
N THR A 10 31.31 3.42 -10.31
CA THR A 10 31.39 2.54 -9.15
C THR A 10 30.12 1.71 -9.03
N ILE A 11 30.19 0.64 -8.23
CA ILE A 11 29.06 -0.25 -8.00
C ILE A 11 28.45 0.07 -6.65
N TYR A 12 27.13 0.28 -6.62
CA TYR A 12 26.27 0.73 -5.53
C TYR A 12 25.72 -0.45 -4.75
N PRO A 13 25.54 -0.29 -3.45
CA PRO A 13 25.13 -1.43 -2.60
C PRO A 13 23.68 -1.82 -2.81
N ALA A 14 23.37 -3.05 -2.41
CA ALA A 14 22.03 -3.60 -2.53
C ALA A 14 21.33 -3.43 -1.18
N ILE A 15 20.25 -2.65 -1.16
CA ILE A 15 19.67 -2.17 0.08
C ILE A 15 18.19 -2.50 0.21
N ALA A 16 17.65 -3.33 -0.69
CA ALA A 16 16.23 -3.68 -0.58
C ALA A 16 15.95 -4.40 0.74
N ASN A 17 16.83 -5.32 1.14
CA ASN A 17 16.65 -6.02 2.40
C ASN A 17 16.89 -5.10 3.58
N GLN A 18 17.74 -4.10 3.43
CA GLN A 18 18.04 -3.19 4.54
C GLN A 18 16.87 -2.26 4.84
N MET A 19 16.10 -1.88 3.83
CA MET A 19 15.00 -0.96 4.05
C MET A 19 13.78 -1.67 4.64
N ALA A 20 13.41 -2.83 4.08
CA ALA A 20 12.31 -3.59 4.66
C ALA A 20 12.63 -4.06 6.06
N HIS A 21 13.93 -4.21 6.36
CA HIS A 21 14.33 -4.53 7.73
C HIS A 21 13.99 -3.39 8.68
N GLN A 22 14.29 -2.16 8.29
CA GLN A 22 13.86 -1.02 9.09
C GLN A 22 12.34 -0.91 9.12
N MET A 23 11.69 -1.21 7.99
CA MET A 23 10.23 -1.26 7.97
C MET A 23 9.71 -2.39 8.84
N HIS A 24 10.52 -3.44 9.03
CA HIS A 24 10.15 -4.52 9.95
C HIS A 24 10.39 -4.12 11.40
N GLU A 25 11.48 -3.37 11.66
CA GLU A 25 11.72 -2.89 13.02
C GLU A 25 10.61 -1.96 13.48
N ASP A 26 10.21 -1.03 12.62
CA ASP A 26 9.15 -0.09 13.00
C ASP A 26 7.82 -0.82 13.16
N ALA A 27 7.57 -1.84 12.34
CA ALA A 27 6.32 -2.58 12.46
C ALA A 27 6.24 -3.32 13.79
N GLN A 28 7.37 -3.86 14.26
CA GLN A 28 7.36 -4.56 15.54
C GLN A 28 7.22 -3.59 16.70
N THR A 29 8.02 -2.52 16.70
CA THR A 29 8.07 -1.64 17.87
C THR A 29 6.72 -0.99 18.16
N GLU A 30 6.00 -0.56 17.11
CA GLU A 30 4.69 0.03 17.34
C GLU A 30 3.61 -1.03 17.56
N ALA A 31 3.86 -2.28 17.18
CA ALA A 31 2.88 -3.33 17.45
C ALA A 31 3.00 -3.80 18.90
N SER A 32 4.24 -3.86 19.42
CA SER A 32 4.45 -4.16 20.83
C SER A 32 3.95 -3.05 21.75
N LYS A 33 3.87 -1.80 21.28
CA LYS A 33 3.23 -0.75 22.04
C LYS A 33 1.76 -1.05 22.27
N ARG A 34 1.11 -1.76 21.36
CA ARG A 34 -0.32 -2.06 21.44
C ARG A 34 -0.51 -3.50 21.78
N GLY A 35 -1.40 -4.24 21.10
CA GLY A 35 -1.77 -5.56 21.57
C GLY A 35 -1.15 -6.70 20.78
N LEU A 36 0.18 -6.66 20.61
CA LEU A 36 0.84 -7.69 19.85
C LEU A 36 0.71 -9.06 20.51
N ALA A 37 1.01 -9.13 21.82
CA ALA A 37 1.02 -10.41 22.50
C ALA A 37 -0.38 -11.01 22.55
N LYS A 38 -1.40 -10.20 22.78
CA LYS A 38 -2.78 -10.66 22.83
C LYS A 38 -3.34 -10.97 21.44
N LEU A 39 -2.52 -10.91 20.41
CA LEU A 39 -2.94 -11.25 19.05
C LEU A 39 -2.22 -12.46 18.47
N ARG A 40 -1.20 -12.97 19.14
CA ARG A 40 -0.54 -14.19 18.68
C ARG A 40 -1.54 -15.32 18.60
N ALA A 41 -1.52 -16.05 17.48
CA ALA A 41 -2.51 -17.08 17.23
C ALA A 41 -1.85 -18.34 16.68
N ASP A 42 -2.58 -19.45 16.77
CA ASP A 42 -2.26 -20.67 16.07
C ASP A 42 -3.57 -21.28 15.57
N ALA A 43 -3.52 -21.88 14.39
CA ALA A 43 -4.71 -22.48 13.80
C ALA A 43 -5.31 -23.58 14.68
N LYS A 44 -4.52 -24.21 15.55
CA LYS A 44 -5.00 -25.29 16.39
C LYS A 44 -5.96 -24.82 17.47
N GLN A 45 -6.09 -23.52 17.66
CA GLN A 45 -6.93 -22.97 18.72
C GLN A 45 -8.24 -22.40 18.20
N GLY A 46 -8.56 -22.61 16.93
CA GLY A 46 -9.79 -22.15 16.34
C GLY A 46 -10.79 -23.27 16.12
N ILE A 47 -12.02 -22.87 15.80
CA ILE A 47 -13.09 -23.79 15.47
C ILE A 47 -13.53 -23.53 14.04
N TYR A 48 -13.80 -24.60 13.30
CA TYR A 48 -14.15 -24.51 11.89
C TYR A 48 -15.32 -25.43 11.61
N LYS A 49 -16.28 -24.94 10.83
CA LYS A 49 -17.52 -25.68 10.54
C LYS A 49 -18.36 -25.86 11.81
N LYS A 50 -18.18 -24.95 12.78
CA LYS A 50 -18.80 -25.06 14.10
C LYS A 50 -18.49 -26.42 14.71
N ASN A 51 -17.27 -26.90 14.49
CA ASN A 51 -16.83 -28.20 14.93
C ASN A 51 -15.94 -28.05 16.16
N ARG A 52 -16.40 -28.61 17.29
CA ARG A 52 -15.62 -28.56 18.52
C ARG A 52 -14.79 -29.82 18.72
N LYS A 53 -14.89 -30.80 17.82
CA LYS A 53 -14.12 -32.04 17.94
C LYS A 53 -12.63 -31.77 17.76
N PRO A 54 -11.77 -32.56 18.40
CA PRO A 54 -10.33 -32.29 18.31
C PRO A 54 -9.81 -32.47 16.89
N GLN A 55 -9.10 -31.46 16.41
CA GLN A 55 -8.38 -31.49 15.15
C GLN A 55 -6.89 -31.45 15.43
N GLU A 56 -6.09 -32.01 14.52
CA GLU A 56 -4.64 -32.14 14.71
C GLU A 56 -3.90 -31.09 13.89
N LEU A 57 -3.99 -29.84 14.36
CA LEU A 57 -3.38 -28.71 13.69
C LEU A 57 -2.15 -28.20 14.44
N SER A 58 -1.56 -29.04 15.30
CA SER A 58 -0.28 -28.69 15.89
C SER A 58 0.75 -28.44 14.79
N ASN A 59 1.04 -29.47 14.00
CA ASN A 59 1.76 -29.30 12.75
C ASN A 59 0.75 -28.82 11.70
N ILE A 60 0.93 -27.59 11.22
CA ILE A 60 -0.05 -26.99 10.32
C ILE A 60 -0.07 -27.70 8.96
N CYS A 61 0.97 -28.46 8.64
CA CYS A 61 1.00 -29.20 7.38
C CYS A 61 -0.18 -30.18 7.29
N ASN A 62 -0.68 -30.64 8.44
CA ASN A 62 -1.79 -31.59 8.46
C ASN A 62 -3.14 -30.94 8.14
N ILE A 63 -3.20 -29.68 7.71
CA ILE A 63 -4.47 -29.01 7.49
C ILE A 63 -5.10 -29.51 6.19
N THR A 64 -6.43 -29.53 6.15
CA THR A 64 -7.18 -29.93 4.97
C THR A 64 -8.26 -28.90 4.69
N LEU A 65 -8.96 -29.09 3.56
CA LEU A 65 -9.90 -28.06 3.11
C LEU A 65 -11.10 -27.96 4.03
N GLN A 66 -11.40 -29.05 4.75
CA GLN A 66 -12.51 -29.00 5.69
C GLN A 66 -12.21 -28.07 6.87
N HIS A 67 -10.93 -27.83 7.17
CA HIS A 67 -10.55 -26.86 8.19
C HIS A 67 -10.75 -25.46 7.65
N SER A 68 -12.00 -25.03 7.50
CA SER A 68 -12.30 -23.76 6.88
C SER A 68 -13.71 -23.34 7.29
N ASN A 69 -13.90 -22.03 7.43
CA ASN A 69 -15.23 -21.46 7.64
C ASN A 69 -15.89 -21.03 6.34
N ASP A 70 -15.63 -21.75 5.25
CA ASP A 70 -16.22 -21.44 3.96
C ASP A 70 -17.73 -21.61 4.01
N SER A 71 -18.46 -20.58 3.58
CA SER A 71 -19.92 -20.63 3.62
C SER A 71 -20.50 -21.63 2.64
N ARG A 72 -19.71 -22.10 1.68
CA ARG A 72 -20.17 -23.11 0.74
C ARG A 72 -19.67 -24.48 1.19
N ASN A 73 -18.45 -24.80 0.76
CA ASN A 73 -17.77 -26.06 1.11
C ASN A 73 -18.64 -27.27 0.82
N GLY A 74 -19.47 -27.14 -0.22
CA GLY A 74 -20.13 -28.29 -0.80
C GLY A 74 -19.25 -28.81 -1.93
N ASN A 75 -18.31 -27.98 -2.37
CA ASN A 75 -17.43 -28.33 -3.47
C ASN A 75 -16.24 -29.13 -2.97
N ASN A 76 -15.40 -29.57 -3.93
CA ASN A 76 -14.13 -30.22 -3.61
C ASN A 76 -13.01 -29.19 -3.51
N GLY A 77 -12.96 -28.24 -4.45
CA GLY A 77 -12.01 -27.14 -4.38
C GLY A 77 -12.33 -26.15 -3.29
N GLY A 78 -11.37 -25.94 -2.39
CA GLY A 78 -11.60 -25.06 -1.26
C GLY A 78 -11.18 -23.64 -1.50
N ALA A 79 -9.89 -23.43 -1.78
CA ALA A 79 -9.34 -22.10 -1.97
C ALA A 79 -9.17 -21.71 -3.42
N CYS A 80 -8.83 -22.67 -4.29
CA CYS A 80 -8.61 -22.40 -5.71
C CYS A 80 -9.87 -22.61 -6.55
N THR A 81 -11.04 -22.44 -5.96
CA THR A 81 -12.28 -22.61 -6.71
C THR A 81 -12.49 -21.43 -7.64
N GLY A 82 -12.79 -21.72 -8.90
CA GLY A 82 -13.01 -20.67 -9.88
C GLY A 82 -11.81 -19.76 -10.07
N LYS A 83 -10.61 -20.33 -10.08
CA LYS A 83 -9.38 -19.57 -10.25
C LYS A 83 -8.57 -20.16 -11.39
N ASP A 84 -8.35 -19.34 -12.42
CA ASP A 84 -7.57 -19.72 -13.60
C ASP A 84 -8.20 -20.94 -14.31
N GLY A 85 -9.38 -20.70 -14.87
CA GLY A 85 -10.04 -21.70 -15.67
C GLY A 85 -9.58 -21.77 -17.10
N ASN A 86 -8.58 -20.96 -17.44
CA ASN A 86 -8.06 -20.90 -18.80
C ASN A 86 -6.58 -21.25 -18.89
N ASN A 87 -5.93 -21.57 -17.78
CA ASN A 87 -4.52 -21.97 -17.76
C ASN A 87 -3.62 -20.87 -18.33
N GLU A 88 -3.70 -19.70 -17.71
CA GLU A 88 -2.89 -18.56 -18.13
C GLU A 88 -2.18 -17.89 -16.97
N ARG A 89 -2.13 -18.53 -15.79
CA ARG A 89 -1.53 -17.89 -14.62
C ARG A 89 -0.03 -17.81 -14.75
N PHE A 90 0.61 -18.88 -15.23
CA PHE A 90 2.05 -18.87 -15.43
C PHE A 90 2.43 -19.15 -16.88
N LYS A 91 1.47 -19.03 -17.81
CA LYS A 91 1.80 -19.09 -19.22
C LYS A 91 2.75 -17.95 -19.55
N ILE A 92 3.94 -18.29 -20.04
CA ILE A 92 5.02 -17.32 -20.17
C ILE A 92 4.65 -16.27 -21.20
N GLY A 93 4.67 -15.01 -20.80
CA GLY A 93 4.30 -13.92 -21.67
C GLY A 93 2.83 -13.61 -21.75
N THR A 94 2.09 -13.79 -20.65
CA THR A 94 0.67 -13.46 -20.62
C THR A 94 0.46 -12.00 -20.27
N GLU A 95 -0.66 -11.45 -20.75
CA GLU A 95 -0.89 -10.02 -20.69
C GLU A 95 -1.44 -9.59 -19.34
N TRP A 96 -0.97 -8.45 -18.85
CA TRP A 96 -1.40 -7.91 -17.57
C TRP A 96 -2.57 -6.95 -17.74
N LYS A 97 -3.29 -6.72 -16.64
CA LYS A 97 -4.56 -6.00 -16.63
C LYS A 97 -4.50 -4.77 -15.71
N ILE A 98 -5.54 -3.93 -15.83
CA ILE A 98 -5.70 -2.70 -15.06
C ILE A 98 -6.86 -2.89 -14.09
N GLY A 99 -6.79 -2.19 -12.96
CA GLY A 99 -7.87 -2.23 -12.00
C GLY A 99 -9.12 -1.55 -12.50
N GLU A 100 -10.16 -1.65 -11.68
CA GLU A 100 -11.50 -1.41 -12.17
C GLU A 100 -12.07 -0.05 -11.78
N LYS A 101 -11.55 0.59 -10.74
CA LYS A 101 -12.29 1.66 -10.06
C LYS A 101 -12.64 2.79 -11.04
N VAL A 102 -13.52 3.70 -10.60
CA VAL A 102 -13.90 4.89 -11.36
C VAL A 102 -12.69 5.50 -12.03
N GLU A 103 -12.82 5.82 -13.32
CA GLU A 103 -11.69 6.36 -14.08
C GLU A 103 -11.37 7.77 -13.58
N THR A 104 -10.88 7.82 -12.35
CA THR A 104 -10.36 9.01 -11.68
C THR A 104 -9.01 8.67 -11.09
N THR A 105 -7.98 9.44 -11.46
CA THR A 105 -6.59 9.10 -11.15
C THR A 105 -6.30 7.66 -11.59
N ASP A 106 -6.20 7.51 -12.92
CA ASP A 106 -6.14 6.19 -13.54
C ASP A 106 -5.01 5.36 -12.95
N THR A 107 -5.32 4.09 -12.67
CA THR A 107 -4.40 3.23 -11.96
C THR A 107 -3.23 2.84 -12.86
N ASP A 108 -2.02 3.12 -12.40
CA ASP A 108 -0.81 2.53 -12.98
C ASP A 108 -0.50 1.18 -12.37
N ALA A 109 -1.48 0.60 -11.66
CA ALA A 109 -1.32 -0.68 -10.99
C ALA A 109 -1.56 -1.79 -12.01
N TYR A 110 -0.52 -2.58 -12.30
CA TYR A 110 -0.61 -3.68 -13.24
C TYR A 110 -0.52 -5.00 -12.48
N ILE A 111 -1.66 -5.68 -12.40
CA ILE A 111 -1.79 -6.85 -11.53
C ILE A 111 -1.04 -8.02 -12.15
N PRO A 112 -0.19 -8.71 -11.41
CA PRO A 112 0.51 -9.86 -11.96
C PRO A 112 -0.46 -11.00 -12.24
N PRO A 113 -0.08 -11.94 -13.09
CA PRO A 113 -1.01 -13.02 -13.42
C PRO A 113 -1.25 -13.97 -12.25
N ARG A 114 -0.22 -14.26 -11.46
CA ARG A 114 -0.43 -15.09 -10.28
C ARG A 114 -1.32 -14.40 -9.26
N ARG A 115 -1.34 -13.07 -9.26
CA ARG A 115 -2.18 -12.35 -8.32
C ARG A 115 -3.65 -12.39 -8.74
N GLN A 116 -3.92 -12.37 -10.04
CA GLN A 116 -5.31 -12.39 -10.49
C GLN A 116 -5.97 -13.73 -10.20
N HIS A 117 -5.25 -14.83 -10.43
CA HIS A 117 -5.76 -16.17 -10.17
C HIS A 117 -5.35 -16.69 -8.81
N MET A 118 -5.29 -15.81 -7.82
CA MET A 118 -4.89 -16.21 -6.47
C MET A 118 -5.90 -17.15 -5.86
N CYS A 119 -5.40 -18.20 -5.20
CA CYS A 119 -6.24 -19.17 -4.49
C CYS A 119 -6.81 -18.56 -3.22
N THR A 120 -7.95 -17.88 -3.34
CA THR A 120 -8.57 -17.23 -2.18
C THR A 120 -10.07 -17.43 -2.12
N SER A 121 -10.61 -18.42 -2.84
CA SER A 121 -12.06 -18.58 -2.89
C SER A 121 -12.66 -18.86 -1.52
N ASN A 122 -11.86 -19.38 -0.59
CA ASN A 122 -12.36 -19.61 0.77
C ASN A 122 -12.57 -18.30 1.50
N LEU A 123 -11.61 -17.39 1.41
CA LEU A 123 -11.73 -16.10 2.09
C LEU A 123 -12.77 -15.20 1.42
N GLU A 124 -13.06 -15.41 0.13
CA GLU A 124 -14.03 -14.57 -0.55
C GLU A 124 -15.45 -14.94 -0.16
N ASN A 125 -15.72 -16.21 0.12
CA ASN A 125 -17.04 -16.67 0.55
C ASN A 125 -17.06 -17.03 2.03
N LEU A 126 -16.31 -16.30 2.84
CA LEU A 126 -16.15 -16.66 4.24
C LEU A 126 -17.43 -16.39 5.03
N ASN A 127 -17.77 -17.31 5.93
CA ASN A 127 -18.90 -17.14 6.84
C ASN A 127 -18.40 -16.44 8.10
N VAL A 128 -18.73 -15.15 8.24
CA VAL A 128 -18.25 -14.38 9.39
C VAL A 128 -18.82 -14.89 10.71
N SER A 129 -19.94 -15.62 10.68
CA SER A 129 -20.50 -16.14 11.91
C SER A 129 -19.59 -17.17 12.55
N TRP A 130 -19.26 -18.24 11.81
CA TRP A 130 -18.50 -19.35 12.36
C TRP A 130 -17.13 -18.92 12.88
N VAL A 131 -16.68 -17.72 12.55
CA VAL A 131 -15.43 -17.20 13.08
C VAL A 131 -15.64 -16.52 14.42
N THR A 132 -16.67 -15.67 14.52
CA THR A 132 -16.90 -14.85 15.70
C THR A 132 -18.03 -15.35 16.57
N GLU A 133 -18.71 -16.43 16.18
CA GLU A 133 -19.77 -16.97 17.03
C GLU A 133 -19.22 -17.52 18.34
N ASP A 134 -17.93 -17.84 18.40
CA ASP A 134 -17.34 -18.48 19.57
C ASP A 134 -16.52 -17.53 20.42
N GLY A 135 -15.88 -16.52 19.84
CA GLY A 135 -14.98 -15.68 20.58
C GLY A 135 -13.53 -16.09 20.45
N LYS A 136 -13.23 -16.97 19.51
CA LYS A 136 -11.86 -17.32 19.15
C LYS A 136 -11.58 -16.90 17.70
N ALA A 137 -12.06 -15.70 17.33
CA ALA A 137 -11.96 -15.27 15.93
C ALA A 137 -10.52 -15.13 15.46
N ILE A 138 -9.60 -14.83 16.38
CA ILE A 138 -8.19 -14.70 16.01
C ILE A 138 -7.66 -16.02 15.49
N HIS A 139 -7.87 -17.10 16.23
CA HIS A 139 -7.33 -18.39 15.82
C HIS A 139 -8.14 -18.99 14.68
N SER A 140 -9.44 -18.74 14.64
CA SER A 140 -10.25 -19.22 13.52
C SER A 140 -9.95 -18.45 12.24
N LEU A 141 -9.32 -17.28 12.34
CA LEU A 141 -8.93 -16.51 11.16
C LEU A 141 -7.62 -17.02 10.57
N LEU A 142 -6.61 -17.18 11.43
CA LEU A 142 -5.32 -17.71 10.98
C LEU A 142 -5.45 -19.08 10.35
N GLY A 143 -6.50 -19.83 10.71
CA GLY A 143 -6.73 -21.12 10.06
C GLY A 143 -7.01 -20.98 8.58
N ASP A 144 -7.92 -20.06 8.22
CA ASP A 144 -8.25 -19.86 6.81
C ASP A 144 -7.14 -19.13 6.07
N VAL A 145 -6.37 -18.29 6.76
CA VAL A 145 -5.23 -17.63 6.12
C VAL A 145 -4.13 -18.64 5.79
N GLN A 146 -3.80 -19.50 6.77
CA GLN A 146 -2.80 -20.54 6.50
C GLN A 146 -3.30 -21.54 5.48
N LEU A 147 -4.62 -21.73 5.38
CA LEU A 147 -5.19 -22.65 4.40
C LEU A 147 -4.94 -22.14 2.98
N ALA A 148 -5.38 -20.92 2.69
CA ALA A 148 -5.12 -20.33 1.39
C ALA A 148 -3.63 -20.20 1.12
N ALA A 149 -2.83 -19.93 2.16
CA ALA A 149 -1.38 -19.82 1.97
C ALA A 149 -0.77 -21.16 1.57
N LYS A 150 -1.17 -22.25 2.22
CA LYS A 150 -0.60 -23.55 1.88
C LYS A 150 -1.19 -24.10 0.59
N MET A 151 -2.44 -23.79 0.29
CA MET A 151 -3.04 -24.28 -0.95
C MET A 151 -2.47 -23.55 -2.16
N ASP A 152 -2.23 -22.24 -2.02
CA ASP A 152 -1.71 -21.49 -3.14
C ASP A 152 -0.25 -21.82 -3.41
N ALA A 153 0.53 -22.13 -2.36
CA ALA A 153 1.89 -22.58 -2.57
C ALA A 153 1.92 -23.89 -3.33
N ASP A 154 0.96 -24.79 -3.06
CA ASP A 154 0.86 -26.02 -3.82
C ASP A 154 0.42 -25.74 -5.26
N GLU A 155 -0.42 -24.73 -5.48
CA GLU A 155 -0.90 -24.42 -6.82
C GLU A 155 0.18 -23.75 -7.65
N ILE A 156 0.89 -22.79 -7.07
CA ILE A 156 1.88 -22.03 -7.82
C ILE A 156 3.01 -22.94 -8.30
N ILE A 157 3.52 -23.80 -7.41
CA ILE A 157 4.57 -24.72 -7.81
C ILE A 157 4.05 -25.72 -8.83
N LYS A 158 2.76 -26.06 -8.77
CA LYS A 158 2.21 -27.02 -9.72
C LYS A 158 1.93 -26.38 -11.08
N ARG A 159 1.25 -25.23 -11.09
CA ARG A 159 0.85 -24.60 -12.35
C ARG A 159 2.05 -24.04 -13.10
N TYR A 160 3.06 -23.55 -12.39
CA TYR A 160 4.26 -23.06 -13.07
C TYR A 160 4.96 -24.18 -13.82
N LYS A 161 4.96 -25.39 -13.25
CA LYS A 161 5.60 -26.52 -13.92
C LYS A 161 4.77 -27.08 -15.07
N LYS A 162 3.49 -26.74 -15.15
CA LYS A 162 2.63 -27.17 -16.25
C LYS A 162 2.48 -26.12 -17.33
N HIS A 163 2.27 -24.86 -16.94
CA HIS A 163 2.17 -23.77 -17.91
C HIS A 163 3.48 -23.48 -18.61
N ASN A 164 4.58 -24.10 -18.18
CA ASN A 164 5.88 -23.95 -18.83
C ASN A 164 6.56 -25.28 -19.12
N THR A 165 5.95 -26.40 -18.72
CA THR A 165 6.39 -27.74 -19.07
C THR A 165 7.86 -27.94 -18.67
N LEU A 166 8.06 -28.07 -17.36
CA LEU A 166 9.39 -28.26 -16.80
C LEU A 166 9.67 -29.74 -16.59
N THR A 167 10.94 -30.11 -16.79
CA THR A 167 11.40 -31.48 -16.66
C THR A 167 11.51 -31.85 -15.18
N ASP A 168 11.89 -33.11 -14.92
CA ASP A 168 12.09 -33.53 -13.52
C ASP A 168 13.33 -32.90 -12.92
N PRO A 169 14.51 -32.91 -13.59
CA PRO A 169 15.61 -32.05 -13.12
C PRO A 169 15.33 -30.59 -13.45
N ILE A 170 14.61 -29.88 -12.58
CA ILE A 170 14.25 -28.49 -12.85
C ILE A 170 15.49 -27.62 -12.82
N GLN A 171 15.57 -26.67 -13.76
CA GLN A 171 16.71 -25.77 -13.80
C GLN A 171 16.70 -24.82 -12.62
N GLN A 172 17.90 -24.45 -12.16
CA GLN A 172 18.01 -23.62 -10.97
C GLN A 172 17.41 -22.24 -11.17
N LYS A 173 17.42 -21.72 -12.40
CA LYS A 173 16.80 -20.42 -12.64
C LYS A 173 15.28 -20.51 -12.55
N ASP A 174 14.71 -21.68 -12.83
CA ASP A 174 13.27 -21.85 -12.70
C ASP A 174 12.88 -22.10 -11.25
N GLN A 175 13.70 -22.85 -10.50
CA GLN A 175 13.44 -23.02 -9.08
C GLN A 175 13.51 -21.70 -8.35
N GLU A 176 14.48 -20.84 -8.70
CA GLU A 176 14.52 -19.50 -8.15
C GLU A 176 13.32 -18.68 -8.60
N SER A 177 12.85 -18.88 -9.83
CA SER A 177 11.68 -18.16 -10.32
C SER A 177 10.40 -18.59 -9.60
N ILE A 178 10.37 -19.81 -9.06
CA ILE A 178 9.20 -20.26 -8.31
C ILE A 178 9.26 -19.76 -6.87
N CYS A 179 10.43 -19.92 -6.23
CA CYS A 179 10.59 -19.44 -4.85
C CYS A 179 10.25 -17.96 -4.75
N ARG A 180 10.63 -17.16 -5.75
CA ARG A 180 10.25 -15.76 -5.73
C ARG A 180 8.77 -15.60 -5.98
N ALA A 181 8.19 -16.45 -6.83
CA ALA A 181 6.76 -16.39 -7.10
C ALA A 181 5.95 -16.75 -5.85
N VAL A 182 6.42 -17.76 -5.11
CA VAL A 182 5.78 -18.08 -3.83
C VAL A 182 5.99 -16.95 -2.83
N ARG A 183 7.20 -16.41 -2.75
CA ARG A 183 7.46 -15.30 -1.84
C ARG A 183 6.65 -14.06 -2.22
N TYR A 184 6.46 -13.84 -3.53
CA TYR A 184 5.60 -12.75 -3.96
C TYR A 184 4.15 -13.00 -3.57
N SER A 185 3.75 -14.27 -3.48
CA SER A 185 2.40 -14.60 -3.06
C SER A 185 2.25 -14.44 -1.55
N PHE A 186 3.28 -14.78 -0.78
CA PHE A 186 3.25 -14.56 0.66
C PHE A 186 3.15 -13.07 0.99
N ALA A 187 3.83 -12.23 0.21
CA ALA A 187 3.83 -10.80 0.47
C ALA A 187 2.51 -10.16 0.07
N ASP A 188 1.93 -10.59 -1.05
CA ASP A 188 0.63 -10.08 -1.44
C ASP A 188 -0.43 -10.39 -0.39
N LEU A 189 -0.36 -11.58 0.20
CA LEU A 189 -1.33 -11.96 1.23
C LEU A 189 -1.29 -11.01 2.41
N GLY A 190 -0.09 -10.61 2.83
CA GLY A 190 0.03 -9.70 3.95
C GLY A 190 -0.59 -8.35 3.66
N ASP A 191 -0.51 -7.90 2.40
CA ASP A 191 -1.16 -6.65 2.03
C ASP A 191 -2.66 -6.80 1.89
N ILE A 192 -3.16 -8.03 1.78
CA ILE A 192 -4.61 -8.22 1.77
C ILE A 192 -5.18 -8.07 3.17
N ILE A 193 -4.51 -8.65 4.17
CA ILE A 193 -4.99 -8.61 5.55
C ILE A 193 -4.98 -7.18 6.09
N ARG A 194 -3.96 -6.40 5.70
CA ARG A 194 -3.79 -5.06 6.23
C ARG A 194 -4.53 -3.99 5.45
N GLY A 195 -5.21 -4.35 4.37
CA GLY A 195 -5.89 -3.36 3.55
C GLY A 195 -4.97 -2.59 2.62
N ARG A 196 -3.77 -3.10 2.36
CA ARG A 196 -2.81 -2.47 1.47
C ARG A 196 -2.93 -2.96 0.04
N ASP A 197 -3.88 -3.85 -0.25
CA ASP A 197 -3.98 -4.44 -1.57
C ASP A 197 -4.43 -3.41 -2.60
N LEU A 198 -3.80 -3.44 -3.77
CA LEU A 198 -4.03 -2.49 -4.85
C LEU A 198 -5.19 -2.91 -5.77
N TRP A 199 -5.30 -4.20 -6.07
CA TRP A 199 -6.34 -4.68 -6.98
C TRP A 199 -7.71 -4.52 -6.33
N GLU A 200 -8.59 -3.79 -7.01
CA GLU A 200 -9.96 -3.56 -6.56
C GLU A 200 -10.91 -4.28 -7.52
N HIS A 201 -11.27 -5.50 -7.17
CA HIS A 201 -12.20 -6.32 -7.94
C HIS A 201 -13.49 -6.49 -7.17
N GLY A 202 -14.51 -7.02 -7.85
CA GLY A 202 -15.77 -7.30 -7.19
C GLY A 202 -15.63 -8.31 -6.07
N ASP A 203 -14.68 -9.23 -6.19
CA ASP A 203 -14.42 -10.22 -5.14
C ASP A 203 -13.68 -9.60 -3.97
N GLN A 204 -12.67 -8.76 -4.25
CA GLN A 204 -11.87 -8.19 -3.18
C GLN A 204 -12.70 -7.31 -2.25
N THR A 205 -13.63 -6.54 -2.81
CA THR A 205 -14.46 -5.68 -1.99
C THR A 205 -15.33 -6.50 -1.04
N LYS A 206 -15.90 -7.60 -1.54
CA LYS A 206 -16.66 -8.49 -0.66
C LYS A 206 -15.75 -9.20 0.32
N LEU A 207 -14.55 -9.59 -0.14
CA LEU A 207 -13.57 -10.20 0.76
C LEU A 207 -13.16 -9.23 1.86
N GLN A 208 -12.87 -7.98 1.50
CA GLN A 208 -12.53 -6.99 2.50
C GLN A 208 -13.72 -6.68 3.41
N GLY A 209 -14.94 -6.85 2.91
CA GLY A 209 -16.11 -6.65 3.74
C GLY A 209 -16.19 -7.65 4.88
N HIS A 210 -15.80 -8.90 4.62
CA HIS A 210 -15.77 -9.89 5.69
C HIS A 210 -14.67 -9.56 6.71
N LEU A 211 -13.52 -9.08 6.23
CA LEU A 211 -12.40 -8.78 7.12
C LEU A 211 -12.77 -7.69 8.12
N GLN A 212 -13.37 -6.59 7.65
CA GLN A 212 -13.76 -5.51 8.55
C GLN A 212 -14.70 -6.00 9.64
N ILE A 213 -15.68 -6.83 9.28
CA ILE A 213 -16.60 -7.38 10.27
C ILE A 213 -15.84 -8.24 11.27
N ILE A 214 -14.86 -9.00 10.79
CA ILE A 214 -14.16 -9.95 11.66
C ILE A 214 -13.31 -9.20 12.69
N PHE A 215 -12.51 -8.22 12.23
CA PHE A 215 -11.70 -7.47 13.19
C PHE A 215 -12.55 -6.63 14.12
N GLY A 216 -13.71 -6.15 13.66
CA GLY A 216 -14.61 -5.43 14.55
C GLY A 216 -15.00 -6.24 15.77
N LYS A 217 -15.05 -7.57 15.64
CA LYS A 217 -15.25 -8.45 16.78
C LYS A 217 -13.94 -8.77 17.49
N ILE A 218 -12.81 -8.69 16.78
CA ILE A 218 -11.51 -9.00 17.37
C ILE A 218 -11.03 -7.89 18.30
N LYS A 219 -11.29 -6.63 17.92
CA LYS A 219 -10.96 -5.52 18.80
C LYS A 219 -11.76 -5.61 20.09
N GLU A 220 -13.03 -6.00 19.98
CA GLU A 220 -13.87 -6.20 21.15
C GLU A 220 -13.59 -7.53 21.84
N GLU A 221 -12.91 -8.46 21.16
CA GLU A 221 -12.61 -9.75 21.78
C GLU A 221 -11.49 -9.64 22.81
N ILE A 222 -10.43 -8.91 22.50
CA ILE A 222 -9.29 -8.79 23.41
C ILE A 222 -9.45 -7.58 24.32
N LYS A 223 -10.61 -6.92 24.25
CA LYS A 223 -10.92 -5.82 25.15
C LYS A 223 -11.29 -6.30 26.58
N LYS A 224 -11.11 -7.60 26.84
CA LYS A 224 -11.39 -8.20 28.14
C LYS A 224 -10.19 -8.11 29.08
N GLY A 231 -12.58 -3.42 28.98
CA GLY A 231 -11.54 -2.60 29.58
C GLY A 231 -10.92 -1.60 28.63
N ASN A 232 -9.66 -1.24 28.88
CA ASN A 232 -8.94 -0.33 28.01
C ASN A 232 -8.37 -1.09 26.81
N ASP A 233 -8.57 -0.53 25.62
CA ASP A 233 -8.06 -1.10 24.39
C ASP A 233 -7.15 -0.10 23.69
N LYS A 234 -6.04 -0.59 23.16
CA LYS A 234 -5.05 0.26 22.51
C LYS A 234 -5.48 0.71 21.11
N TYR A 235 -6.64 0.29 20.64
CA TYR A 235 -7.10 0.59 19.29
C TYR A 235 -8.34 1.48 19.34
N LYS A 236 -8.29 2.53 20.16
CA LYS A 236 -9.40 3.46 20.29
C LYS A 236 -9.63 4.17 18.96
N GLY A 237 -10.88 4.12 18.49
CA GLY A 237 -11.22 4.79 17.24
C GLY A 237 -10.50 4.25 16.03
N ASP A 238 -10.17 2.95 16.01
CA ASP A 238 -9.51 2.35 14.86
C ASP A 238 -10.47 2.07 13.72
N GLU A 239 -11.77 1.98 14.00
CA GLU A 239 -12.75 1.83 12.93
C GLU A 239 -12.73 3.03 12.00
N LYS A 240 -12.47 4.22 12.54
CA LYS A 240 -12.34 5.43 11.72
C LYS A 240 -10.87 5.68 11.39
N ASN A 241 -10.34 4.77 10.57
CA ASN A 241 -9.07 4.91 9.89
C ASN A 241 -9.22 4.40 8.48
N ASN A 242 -8.28 4.75 7.63
CA ASN A 242 -8.31 4.33 6.22
C ASN A 242 -6.96 3.75 5.84
N PRO A 243 -6.84 2.42 5.65
CA PRO A 243 -7.93 1.43 5.70
C PRO A 243 -8.50 1.23 7.10
N PRO A 244 -9.74 0.73 7.18
CA PRO A 244 -10.36 0.53 8.49
C PRO A 244 -9.58 -0.48 9.33
N TYR A 245 -9.52 -0.22 10.64
CA TYR A 245 -8.73 -1.02 11.58
C TYR A 245 -7.27 -1.11 11.14
N LYS A 246 -6.74 0.04 10.68
CA LYS A 246 -5.38 0.11 10.15
C LYS A 246 -4.38 -0.47 11.14
N GLN A 247 -4.35 0.07 12.36
CA GLN A 247 -3.35 -0.35 13.33
C GLN A 247 -3.55 -1.80 13.76
N LEU A 248 -4.81 -2.20 13.98
CA LEU A 248 -5.07 -3.56 14.45
C LEU A 248 -4.69 -4.60 13.42
N ARG A 249 -5.02 -4.36 12.15
CA ARG A 249 -4.67 -5.30 11.09
C ARG A 249 -3.16 -5.35 10.88
N GLU A 250 -2.49 -4.19 10.98
CA GLU A 250 -1.04 -4.18 10.83
C GLU A 250 -0.37 -4.97 11.94
N ASP A 251 -0.87 -4.84 13.16
CA ASP A 251 -0.28 -5.57 14.28
C ASP A 251 -0.55 -7.07 14.17
N TRP A 252 -1.75 -7.44 13.73
CA TRP A 252 -2.12 -8.86 13.67
C TRP A 252 -1.22 -9.62 12.71
N TRP A 253 -0.84 -8.99 11.61
CA TRP A 253 0.01 -9.68 10.64
C TRP A 253 1.41 -9.91 11.20
N GLU A 254 1.93 -8.93 11.94
CA GLU A 254 3.27 -9.08 12.52
C GLU A 254 3.32 -10.23 13.52
N ALA A 255 2.22 -10.48 14.22
CA ALA A 255 2.22 -11.51 15.24
C ALA A 255 2.31 -12.91 14.64
N ASN A 256 1.63 -13.14 13.52
CA ASN A 256 1.47 -14.49 12.98
C ASN A 256 2.18 -14.67 11.64
N ARG A 257 3.01 -13.71 11.23
CA ARG A 257 3.63 -13.81 9.92
C ARG A 257 4.60 -14.98 9.86
N HIS A 258 5.27 -15.30 10.98
CA HIS A 258 6.18 -16.42 10.98
C HIS A 258 5.46 -17.75 10.84
N GLN A 259 4.17 -17.78 11.12
CA GLN A 259 3.36 -18.97 10.98
C GLN A 259 2.69 -19.09 9.62
N VAL A 260 2.25 -17.96 9.04
CA VAL A 260 1.76 -18.00 7.67
C VAL A 260 2.86 -18.47 6.73
N TRP A 261 4.10 -18.09 7.03
CA TRP A 261 5.22 -18.59 6.23
C TRP A 261 5.52 -20.05 6.56
N ARG A 262 5.41 -20.43 7.84
CA ARG A 262 5.58 -21.84 8.19
C ARG A 262 4.53 -22.71 7.51
N ALA A 263 3.38 -22.13 7.17
CA ALA A 263 2.34 -22.88 6.47
C ALA A 263 2.75 -23.18 5.05
N MET A 264 3.44 -22.25 4.40
CA MET A 264 3.86 -22.43 3.01
C MET A 264 5.07 -23.33 2.89
N GLN A 265 5.96 -23.33 3.89
CA GLN A 265 7.10 -24.22 3.89
C GLN A 265 6.68 -25.68 3.81
N CYS A 266 5.44 -26.01 4.19
CA CYS A 266 4.92 -27.36 4.01
C CYS A 266 4.85 -27.76 2.54
N GLU A 267 4.76 -26.77 1.65
CA GLU A 267 4.70 -27.01 0.22
C GLU A 267 6.01 -26.69 -0.50
N LEU A 268 6.78 -25.71 -0.02
CA LEU A 268 8.08 -25.41 -0.59
C LEU A 268 9.13 -26.48 -0.26
N LYS A 269 8.81 -27.43 0.61
CA LYS A 269 9.82 -28.36 1.10
C LYS A 269 10.33 -29.31 0.02
N ASN A 270 9.55 -29.54 -1.04
CA ASN A 270 9.92 -30.52 -2.07
C ASN A 270 10.76 -29.91 -3.20
N LEU A 271 11.02 -28.60 -3.17
CA LEU A 271 11.94 -27.99 -4.13
C LEU A 271 13.37 -28.20 -3.67
N LYS A 272 14.18 -28.85 -4.50
CA LYS A 272 15.50 -29.31 -4.08
C LYS A 272 16.55 -28.21 -4.03
N LYS A 273 16.17 -26.94 -4.26
CA LYS A 273 17.10 -25.83 -4.18
C LYS A 273 16.96 -25.14 -2.84
N SER A 274 18.10 -24.91 -2.17
CA SER A 274 18.10 -24.35 -0.83
C SER A 274 18.97 -23.11 -0.72
N ASN A 275 19.54 -22.63 -1.82
CA ASN A 275 20.36 -21.43 -1.85
C ASN A 275 19.73 -20.40 -2.76
N GLY A 276 20.24 -19.18 -2.67
CA GLY A 276 19.73 -18.11 -3.51
C GLY A 276 18.40 -17.59 -2.98
N ASP A 277 17.41 -17.53 -3.86
CA ASP A 277 16.08 -17.04 -3.49
C ASP A 277 15.23 -18.11 -2.81
N CYS A 278 15.70 -19.35 -2.76
CA CYS A 278 15.06 -20.39 -1.96
C CYS A 278 15.71 -20.54 -0.59
N HIS A 279 16.53 -19.55 -0.21
CA HIS A 279 17.13 -19.51 1.11
C HIS A 279 16.11 -19.53 2.24
N TYR A 280 14.88 -19.09 1.97
CA TYR A 280 13.83 -18.99 2.98
C TYR A 280 12.90 -20.21 3.00
N ASN A 281 13.16 -21.22 2.17
CA ASN A 281 12.34 -22.43 2.21
C ASN A 281 12.46 -23.12 3.55
N SER A 282 13.68 -23.32 4.02
CA SER A 282 13.90 -23.97 5.31
C SER A 282 14.13 -22.97 6.43
N ARG A 283 15.05 -22.03 6.24
CA ARG A 283 15.41 -21.10 7.29
C ARG A 283 14.53 -19.86 7.24
N GLY A 284 14.12 -19.38 8.40
CA GLY A 284 13.64 -18.02 8.54
C GLY A 284 12.34 -17.71 7.83
N THR A 285 11.94 -16.44 7.96
CA THR A 285 10.76 -15.88 7.34
C THR A 285 11.20 -14.67 6.51
N PRO A 286 10.71 -14.54 5.28
CA PRO A 286 11.19 -13.47 4.40
C PRO A 286 10.63 -12.11 4.77
N LEU A 287 11.31 -11.06 4.30
CA LEU A 287 10.92 -9.69 4.59
C LEU A 287 10.19 -9.02 3.43
N ASP A 288 9.76 -9.80 2.43
CA ASP A 288 9.15 -9.22 1.24
C ASP A 288 7.84 -8.51 1.55
N ASP A 289 7.16 -8.91 2.62
CA ASP A 289 5.88 -8.31 2.96
C ASP A 289 6.01 -6.85 3.38
N TYR A 290 7.20 -6.42 3.81
CA TYR A 290 7.43 -5.04 4.20
C TYR A 290 8.08 -4.22 3.10
N ILE A 291 8.06 -4.72 1.87
CA ILE A 291 8.42 -3.95 0.67
C ILE A 291 7.13 -3.57 -0.05
N PRO A 292 6.94 -2.29 -0.40
CA PRO A 292 5.65 -1.84 -0.93
C PRO A 292 5.17 -2.68 -2.10
N GLN A 293 3.84 -2.76 -2.24
CA GLN A 293 3.26 -3.69 -3.21
C GLN A 293 3.50 -3.24 -4.64
N ARG A 294 3.55 -1.93 -4.88
CA ARG A 294 3.78 -1.46 -6.24
C ARG A 294 5.16 -1.86 -6.75
N LEU A 295 6.13 -1.98 -5.86
CA LEU A 295 7.49 -2.35 -6.26
C LEU A 295 7.59 -3.85 -6.53
N ARG A 296 6.95 -4.68 -5.71
CA ARG A 296 7.01 -6.12 -5.93
C ARG A 296 6.40 -6.51 -7.26
N TRP A 297 5.41 -5.74 -7.72
CA TRP A 297 4.82 -6.01 -9.03
C TRP A 297 5.63 -5.40 -10.16
N MET A 298 6.44 -4.38 -9.86
CA MET A 298 7.33 -3.85 -10.88
C MET A 298 8.42 -4.84 -11.23
N VAL A 299 8.98 -5.52 -10.22
CA VAL A 299 10.03 -6.49 -10.50
C VAL A 299 9.43 -7.73 -11.14
N GLU A 300 8.21 -8.10 -10.74
CA GLU A 300 7.55 -9.24 -11.35
C GLU A 300 7.14 -8.92 -12.78
N TRP A 301 6.74 -7.67 -13.05
CA TRP A 301 6.51 -7.27 -14.44
C TRP A 301 7.80 -7.35 -15.23
N ALA A 302 8.92 -6.98 -14.62
CA ALA A 302 10.21 -7.07 -15.29
C ALA A 302 10.57 -8.53 -15.57
N GLU A 303 10.23 -9.43 -14.65
CA GLU A 303 10.57 -10.84 -14.84
C GLU A 303 9.77 -11.44 -16.00
N TRP A 304 8.44 -11.31 -15.96
CA TRP A 304 7.63 -11.87 -17.03
C TRP A 304 7.87 -11.16 -18.36
N PHE A 305 8.33 -9.91 -18.32
CA PHE A 305 8.72 -9.24 -19.55
C PHE A 305 9.98 -9.85 -20.14
N CYS A 306 11.01 -10.04 -19.31
CA CYS A 306 12.24 -10.68 -19.80
C CYS A 306 11.99 -12.13 -20.18
N LYS A 307 11.02 -12.79 -19.54
CA LYS A 307 10.66 -14.12 -20.01
C LYS A 307 9.91 -14.05 -21.33
N MET A 308 9.23 -12.92 -21.58
CA MET A 308 8.47 -12.78 -22.82
C MET A 308 9.36 -12.34 -23.98
N GLN A 309 10.36 -11.50 -23.70
CA GLN A 309 11.25 -11.05 -24.76
C GLN A 309 12.14 -12.19 -25.25
N SER A 310 12.62 -13.04 -24.34
CA SER A 310 13.44 -14.18 -24.74
C SER A 310 12.67 -15.12 -25.66
N GLN A 311 11.37 -15.26 -25.45
CA GLN A 311 10.57 -16.13 -26.31
C GLN A 311 10.39 -15.51 -27.69
N GLU A 312 9.96 -14.26 -27.75
CA GLU A 312 9.74 -13.61 -29.04
C GLU A 312 11.05 -13.43 -29.81
N TYR A 313 12.17 -13.30 -29.11
CA TYR A 313 13.45 -13.10 -29.80
C TYR A 313 13.94 -14.40 -30.44
N ASP A 314 13.81 -15.51 -29.72
CA ASP A 314 14.22 -16.78 -30.29
C ASP A 314 13.30 -17.22 -31.42
N LYS A 315 12.01 -16.87 -31.34
CA LYS A 315 11.10 -17.14 -32.45
C LYS A 315 11.44 -16.26 -33.65
N LEU A 316 11.84 -15.02 -33.40
CA LEU A 316 12.19 -14.10 -34.48
C LEU A 316 13.39 -14.61 -35.27
N MET A 317 14.45 -15.01 -34.56
CA MET A 317 15.68 -15.39 -35.24
C MET A 317 15.57 -16.70 -36.00
N LYS A 318 14.65 -17.59 -35.58
CA LYS A 318 14.46 -18.82 -36.33
C LYS A 318 13.89 -18.55 -37.72
N GLN A 319 13.16 -17.43 -37.89
CA GLN A 319 12.60 -17.06 -39.17
C GLN A 319 13.53 -16.14 -39.97
N CYS A 320 14.37 -15.37 -39.28
CA CYS A 320 15.27 -14.41 -39.91
C CYS A 320 16.73 -14.85 -39.87
N SER A 321 17.02 -16.08 -39.48
CA SER A 321 18.38 -16.61 -39.58
C SER A 321 18.87 -16.60 -41.03
N GLN A 322 17.96 -16.80 -41.98
CA GLN A 322 18.35 -16.80 -43.38
C GLN A 322 18.82 -15.42 -43.81
N CYS A 323 18.12 -14.37 -43.37
CA CYS A 323 18.23 -13.07 -44.01
C CYS A 323 19.47 -12.29 -43.61
N MET A 324 20.27 -12.78 -42.66
CA MET A 324 21.50 -12.11 -42.28
C MET A 324 22.72 -13.01 -42.28
N SER A 325 22.57 -14.31 -42.12
CA SER A 325 23.71 -15.23 -42.15
C SER A 325 24.23 -15.42 -43.59
N ASP A 329 21.15 -14.36 -46.51
CA ASP A 329 21.27 -14.83 -47.88
C ASP A 329 19.91 -14.76 -48.57
N CYS A 330 18.84 -14.53 -47.79
CA CYS A 330 17.51 -14.43 -48.36
C CYS A 330 17.44 -13.29 -49.37
N ARG A 331 16.85 -13.57 -50.54
CA ARG A 331 16.64 -12.50 -51.50
C ARG A 331 15.51 -11.59 -51.01
N LYS A 332 15.35 -10.46 -51.68
CA LYS A 332 14.62 -9.36 -51.08
C LYS A 332 13.11 -9.44 -51.29
N GLY A 333 12.61 -10.51 -51.88
CA GLY A 333 11.19 -10.64 -52.08
C GLY A 333 10.67 -12.04 -51.87
N ASP A 334 11.53 -12.98 -51.48
CA ASP A 334 11.15 -14.39 -51.44
C ASP A 334 10.30 -14.66 -50.20
N VAL A 335 10.00 -15.95 -49.97
CA VAL A 335 9.23 -16.34 -48.79
C VAL A 335 9.97 -15.96 -47.52
N ASN A 336 11.30 -16.00 -47.55
CA ASN A 336 12.09 -15.74 -46.34
C ASN A 336 11.97 -14.30 -45.87
N CYS A 337 11.69 -13.37 -46.79
CA CYS A 337 11.55 -11.98 -46.37
C CYS A 337 10.15 -11.71 -45.81
N THR A 338 9.10 -12.21 -46.47
CA THR A 338 7.76 -12.07 -45.92
C THR A 338 7.62 -12.86 -44.63
N SER A 339 8.30 -14.01 -44.54
CA SER A 339 8.36 -14.73 -43.28
C SER A 339 9.07 -13.92 -42.20
N CYS A 340 10.12 -13.20 -42.58
CA CYS A 340 10.81 -12.33 -41.64
C CYS A 340 10.13 -10.98 -41.50
N GLU A 341 9.29 -10.58 -42.46
CA GLU A 341 8.53 -9.34 -42.31
C GLU A 341 7.51 -9.43 -41.19
N GLN A 342 6.69 -10.50 -41.21
CA GLN A 342 5.71 -10.67 -40.15
C GLN A 342 6.37 -10.91 -38.81
N ALA A 343 7.52 -11.59 -38.79
CA ALA A 343 8.20 -11.87 -37.54
C ALA A 343 8.76 -10.60 -36.91
N CYS A 344 9.26 -9.68 -37.72
CA CYS A 344 9.79 -8.43 -37.17
C CYS A 344 8.69 -7.42 -36.89
N GLU A 345 7.48 -7.63 -37.42
CA GLU A 345 6.34 -6.78 -37.07
C GLU A 345 5.59 -7.35 -35.88
N GLU A 346 5.51 -8.68 -35.77
CA GLU A 346 4.90 -9.30 -34.61
C GLU A 346 5.73 -9.07 -33.36
N TYR A 347 7.05 -9.15 -33.49
CA TYR A 347 7.93 -8.89 -32.36
C TYR A 347 7.81 -7.44 -31.89
N LYS A 348 7.67 -6.51 -32.83
CA LYS A 348 7.52 -5.10 -32.45
C LYS A 348 6.11 -4.82 -31.92
N LYS A 349 5.11 -5.55 -32.41
CA LYS A 349 3.76 -5.39 -31.89
C LYS A 349 3.67 -5.78 -30.42
N LYS A 350 4.46 -6.78 -30.01
CA LYS A 350 4.45 -7.25 -28.62
C LYS A 350 5.17 -6.30 -27.68
N ILE A 351 6.32 -5.75 -28.10
CA ILE A 351 7.13 -4.93 -27.19
C ILE A 351 6.46 -3.59 -26.95
N LYS A 352 5.96 -2.95 -28.00
CA LYS A 352 5.24 -1.69 -27.79
C LYS A 352 3.94 -1.88 -27.01
N LYS A 353 3.41 -3.10 -26.98
CA LYS A 353 2.32 -3.42 -26.06
C LYS A 353 2.80 -3.31 -24.62
N TRP A 354 3.92 -3.97 -24.29
CA TRP A 354 4.45 -4.00 -22.94
C TRP A 354 5.08 -2.67 -22.53
N GLU A 355 5.85 -2.03 -23.42
CA GLU A 355 6.45 -0.74 -23.09
C GLU A 355 5.37 0.31 -22.79
N LYS A 356 4.16 0.13 -23.33
CA LYS A 356 3.07 1.02 -22.97
C LYS A 356 2.72 0.89 -21.49
N GLN A 357 2.78 -0.32 -20.96
CA GLN A 357 2.63 -0.50 -19.51
C GLN A 357 3.84 0.05 -18.77
N TRP A 358 5.05 -0.20 -19.28
CA TRP A 358 6.25 0.28 -18.61
C TRP A 358 6.29 1.81 -18.57
N ASN A 359 5.69 2.47 -19.55
CA ASN A 359 5.69 3.94 -19.56
C ASN A 359 4.95 4.50 -18.35
N LYS A 360 3.74 3.97 -18.07
CA LYS A 360 2.99 4.41 -16.91
C LYS A 360 3.67 4.01 -15.61
N ILE A 361 4.41 2.90 -15.63
CA ILE A 361 5.11 2.44 -14.44
C ILE A 361 6.31 3.35 -14.15
N LYS A 362 7.17 3.56 -15.15
CA LYS A 362 8.35 4.39 -14.95
C LYS A 362 8.00 5.81 -14.55
N ASP A 363 6.87 6.34 -15.07
CA ASP A 363 6.47 7.70 -14.76
C ASP A 363 5.86 7.81 -13.37
N LYS A 364 5.14 6.77 -12.93
CA LYS A 364 4.57 6.78 -11.58
C LYS A 364 5.68 6.62 -10.53
N TYR A 365 6.66 5.78 -10.82
CA TYR A 365 7.81 5.65 -9.93
C TYR A 365 8.53 6.99 -9.77
N GLU A 366 8.71 7.72 -10.87
CA GLU A 366 9.42 8.99 -10.81
C GLU A 366 8.62 10.03 -10.02
N GLU A 367 7.29 9.98 -10.09
CA GLU A 367 6.48 10.96 -9.39
C GLU A 367 6.65 10.85 -7.88
N LEU A 368 6.82 9.62 -7.39
CA LEU A 368 6.83 9.40 -5.95
C LEU A 368 8.22 9.60 -5.36
N TYR A 369 9.26 9.18 -6.07
CA TYR A 369 10.62 9.34 -5.56
C TYR A 369 10.93 10.81 -5.30
N LEU A 370 10.59 11.67 -6.26
CA LEU A 370 10.83 13.10 -6.09
C LEU A 370 9.80 13.75 -5.18
N GLN A 371 8.64 13.12 -4.99
CA GLN A 371 7.64 13.64 -4.07
C GLN A 371 8.18 13.69 -2.65
N ALA A 372 9.07 12.75 -2.31
CA ALA A 372 9.61 12.64 -0.95
C ALA A 372 10.70 13.66 -0.66
N LYS A 373 11.20 14.38 -1.66
CA LYS A 373 12.28 15.32 -1.42
C LYS A 373 11.78 16.70 -1.01
N ILE A 374 10.61 17.10 -1.48
CA ILE A 374 10.08 18.43 -1.23
C ILE A 374 8.97 18.43 -0.19
N ALA A 375 8.15 17.38 -0.17
CA ALA A 375 7.08 17.29 0.82
C ALA A 375 7.67 17.04 2.20
N PHE A 376 7.21 17.81 3.18
CA PHE A 376 7.81 17.77 4.50
C PHE A 376 6.90 17.02 5.48
N ALA A 377 7.31 17.02 6.75
CA ALA A 377 6.69 16.18 7.76
C ALA A 377 5.21 16.45 7.88
N GLY A 378 4.41 15.39 7.87
CA GLY A 378 2.97 15.49 7.99
C GLY A 378 2.21 15.56 6.69
N THR A 379 2.75 15.02 5.60
CA THR A 379 2.11 15.08 4.30
C THR A 379 1.46 13.74 4.00
N SER A 380 0.15 13.77 3.77
CA SER A 380 -0.64 12.55 3.56
C SER A 380 -1.48 12.71 2.30
N PHE A 381 -1.53 11.65 1.49
CA PHE A 381 -2.22 11.68 0.22
C PHE A 381 -3.36 10.67 0.20
N GLY A 382 -4.41 11.01 -0.52
CA GLY A 382 -5.50 10.09 -0.80
C GLY A 382 -6.08 10.37 -2.16
N GLY A 383 -6.15 9.36 -3.02
CA GLY A 383 -6.64 9.58 -4.36
C GLY A 383 -7.20 8.34 -5.03
N GLY A 384 -6.74 8.07 -6.26
CA GLY A 384 -7.18 6.86 -6.95
C GLY A 384 -6.66 5.60 -6.31
N ASP A 385 -5.49 5.67 -5.68
CA ASP A 385 -4.91 4.54 -4.97
C ASP A 385 -4.61 4.93 -3.52
N ARG A 386 -4.76 3.96 -2.63
CA ARG A 386 -4.56 4.21 -1.21
C ARG A 386 -3.09 4.42 -0.86
N ASP A 387 -2.16 3.86 -1.64
CA ASP A 387 -0.81 3.59 -1.18
C ASP A 387 0.16 4.73 -1.45
N TYR A 388 -0.30 5.96 -1.65
CA TYR A 388 0.61 7.09 -1.72
C TYR A 388 1.33 7.29 -0.40
N GLN A 389 0.56 7.31 0.70
CA GLN A 389 1.12 7.71 1.99
C GLN A 389 2.21 6.74 2.43
N GLN A 390 2.02 5.43 2.15
CA GLN A 390 3.05 4.47 2.53
C GLN A 390 4.21 4.46 1.54
N MET A 391 3.95 4.82 0.27
CA MET A 391 5.01 4.76 -0.73
C MET A 391 6.03 5.86 -0.53
N VAL A 392 5.57 7.12 -0.43
CA VAL A 392 6.50 8.23 -0.29
C VAL A 392 7.27 8.14 1.02
N HIS A 393 6.68 7.52 2.05
CA HIS A 393 7.40 7.34 3.30
C HIS A 393 8.54 6.35 3.16
N PHE A 394 8.35 5.33 2.32
CA PHE A 394 9.41 4.37 2.06
C PHE A 394 10.58 5.04 1.37
N PHE A 395 10.31 5.83 0.33
CA PHE A 395 11.37 6.55 -0.36
C PHE A 395 12.04 7.55 0.54
N LYS A 396 11.26 8.24 1.38
CA LYS A 396 11.84 9.27 2.24
C LYS A 396 12.85 8.66 3.21
N GLU A 397 12.50 7.52 3.81
CA GLU A 397 13.47 6.79 4.62
C GLU A 397 14.59 6.20 3.77
N LEU A 398 14.27 5.82 2.54
CA LEU A 398 15.30 5.31 1.63
C LEU A 398 16.24 6.42 1.18
N GLN A 399 15.68 7.59 0.87
CA GLN A 399 16.49 8.68 0.34
C GLN A 399 17.52 9.17 1.33
N LYS A 400 17.24 9.07 2.63
CA LYS A 400 18.22 9.50 3.63
C LYS A 400 19.21 8.40 3.98
N VAL A 401 18.86 7.13 3.76
CA VAL A 401 19.84 6.06 3.93
C VAL A 401 20.88 6.11 2.81
N THR A 402 20.44 6.39 1.57
CA THR A 402 21.37 6.62 0.47
C THR A 402 21.92 8.04 0.47
N GLY A 403 21.32 8.95 1.23
CA GLY A 403 21.78 10.32 1.30
C GLY A 403 21.32 11.23 0.19
N ASP A 404 20.40 10.79 -0.65
CA ASP A 404 19.95 11.58 -1.80
C ASP A 404 18.59 12.21 -1.47
N THR A 405 18.62 13.39 -0.88
CA THR A 405 17.40 14.17 -0.69
C THR A 405 17.45 15.55 -1.32
N THR A 406 18.62 16.02 -1.75
CA THR A 406 18.69 17.26 -2.52
C THR A 406 18.15 17.01 -3.92
N LEU A 407 17.14 17.79 -4.30
CA LEU A 407 16.53 17.69 -5.62
C LEU A 407 17.52 18.15 -6.66
N GLY A 408 18.14 17.19 -7.34
CA GLY A 408 19.15 17.52 -8.34
C GLY A 408 20.29 16.52 -8.34
N ASP A 409 20.15 15.43 -7.58
CA ASP A 409 21.18 14.41 -7.51
C ASP A 409 20.76 13.17 -8.30
N THR A 410 21.73 12.56 -8.99
CA THR A 410 21.50 11.34 -9.74
C THR A 410 22.45 10.22 -9.34
N THR A 411 23.34 10.47 -8.37
CA THR A 411 24.26 9.44 -7.90
C THR A 411 23.51 8.17 -7.51
N SER A 412 22.47 8.31 -6.69
CA SER A 412 21.63 7.17 -6.31
C SER A 412 20.96 6.60 -7.55
N PRO A 413 21.19 5.32 -7.88
CA PRO A 413 20.54 4.75 -9.08
C PRO A 413 19.05 4.57 -8.93
N TYR A 414 18.53 4.62 -7.72
CA TYR A 414 17.10 4.55 -7.45
C TYR A 414 16.36 5.82 -7.87
N SER A 415 17.02 6.74 -8.58
CA SER A 415 16.37 7.96 -9.03
C SER A 415 15.30 7.69 -10.09
N THR A 416 15.46 6.61 -10.85
CA THR A 416 14.50 6.23 -11.88
C THR A 416 14.04 4.79 -11.67
N ALA A 417 12.95 4.44 -12.34
CA ALA A 417 12.36 3.11 -12.16
C ALA A 417 13.29 2.02 -12.67
N ALA A 418 13.85 2.22 -13.86
CA ALA A 418 14.81 1.26 -14.40
C ALA A 418 16.01 1.08 -13.48
N GLY A 419 16.45 2.18 -12.84
CA GLY A 419 17.59 2.09 -11.95
C GLY A 419 17.31 1.25 -10.71
N TYR A 420 16.04 1.17 -10.31
CA TYR A 420 15.69 0.30 -9.20
C TYR A 420 15.86 -1.16 -9.58
N ILE A 421 15.39 -1.54 -10.77
CA ILE A 421 15.52 -2.93 -11.20
C ILE A 421 16.97 -3.29 -11.48
N HIS A 422 17.82 -2.30 -11.75
CA HIS A 422 19.24 -2.57 -11.92
C HIS A 422 19.86 -3.03 -10.60
N GLN A 423 19.42 -2.46 -9.48
CA GLN A 423 20.05 -2.77 -8.21
C GLN A 423 19.50 -4.05 -7.60
N GLU A 424 18.19 -4.14 -7.45
CA GLU A 424 17.55 -5.22 -6.71
C GLU A 424 16.82 -6.24 -7.58
N GLY A 425 16.43 -5.87 -8.79
CA GLY A 425 15.76 -6.80 -9.68
C GLY A 425 16.65 -7.98 -10.04
N HIS A 426 16.01 -9.01 -10.60
CA HIS A 426 16.66 -10.28 -10.90
C HIS A 426 16.36 -10.72 -12.33
N VAL A 427 16.42 -9.78 -13.27
CA VAL A 427 16.14 -10.06 -14.68
C VAL A 427 17.46 -10.43 -15.36
N ASP A 428 17.66 -11.73 -15.57
CA ASP A 428 18.85 -12.24 -16.24
C ASP A 428 18.58 -12.71 -17.66
N GLU A 429 17.34 -13.06 -17.98
CA GLU A 429 17.01 -13.83 -19.16
C GLU A 429 16.77 -12.98 -20.39
N CYS A 430 16.76 -11.65 -20.26
CA CYS A 430 16.61 -10.80 -21.43
C CYS A 430 17.81 -10.95 -22.35
N THR A 431 17.54 -11.13 -23.64
CA THR A 431 18.53 -11.53 -24.64
C THR A 431 18.94 -10.35 -25.51
N GLU A 432 20.26 -10.14 -25.64
CA GLU A 432 20.85 -9.09 -26.47
C GLU A 432 20.32 -7.70 -26.13
N GLN A 433 19.50 -7.61 -25.09
CA GLN A 433 18.99 -6.33 -24.62
C GLN A 433 18.79 -6.47 -23.12
N THR A 434 19.69 -5.89 -22.34
CA THR A 434 19.50 -5.78 -20.89
C THR A 434 19.11 -4.38 -20.49
N GLN A 435 18.66 -3.56 -21.44
CA GLN A 435 18.45 -2.14 -21.22
C GLN A 435 16.98 -1.86 -20.96
N PHE A 436 16.69 -1.34 -19.76
CA PHE A 436 15.48 -0.57 -19.52
C PHE A 436 15.79 0.92 -19.52
N CYS A 437 17.06 1.28 -19.64
CA CYS A 437 17.55 2.66 -19.65
C CYS A 437 18.26 2.93 -20.97
N LYS A 438 18.13 4.16 -21.47
CA LYS A 438 18.92 4.61 -22.61
C LYS A 438 19.81 5.79 -22.29
N ASN A 439 19.42 6.63 -21.33
CA ASN A 439 20.23 7.76 -20.92
C ASN A 439 20.50 7.70 -19.41
N ALA A 465 18.45 -7.20 -40.66
CA ALA A 465 17.85 -8.40 -41.24
C ALA A 465 16.33 -8.24 -41.36
N CYS A 466 15.79 -7.21 -40.71
CA CYS A 466 14.35 -6.97 -40.73
C CYS A 466 13.89 -6.40 -42.06
N LYS A 467 14.61 -5.45 -42.62
CA LYS A 467 14.30 -4.89 -43.93
C LYS A 467 15.27 -5.52 -44.93
N CYS A 468 14.80 -6.58 -45.60
CA CYS A 468 15.62 -7.39 -46.51
C CYS A 468 15.82 -6.73 -47.87
N GLN B 1 -9.56 12.94 -20.62
CA GLN B 1 -8.41 13.21 -21.50
C GLN B 1 -7.22 13.70 -20.68
N THR B 2 -7.50 14.45 -19.61
CA THR B 2 -6.48 14.97 -18.71
C THR B 2 -6.62 14.31 -17.35
N SER B 3 -5.48 13.92 -16.77
CA SER B 3 -5.44 13.30 -15.45
C SER B 3 -4.55 14.11 -14.52
N VAL B 4 -4.71 13.88 -13.22
CA VAL B 4 -3.95 14.58 -12.19
C VAL B 4 -3.62 13.60 -11.07
N SER B 5 -2.39 13.67 -10.56
CA SER B 5 -1.95 12.79 -9.48
C SER B 5 -1.01 13.57 -8.57
N PRO B 6 -1.25 13.58 -7.25
CA PRO B 6 -2.37 12.90 -6.59
C PRO B 6 -3.68 13.68 -6.68
N SER B 7 -4.71 13.24 -5.95
CA SER B 7 -6.04 13.82 -6.07
C SER B 7 -6.44 14.65 -4.85
N LYS B 8 -6.41 14.06 -3.66
CA LYS B 8 -6.70 14.78 -2.42
C LYS B 8 -5.45 14.76 -1.55
N VAL B 9 -5.01 15.93 -1.11
CA VAL B 9 -3.76 16.08 -0.38
C VAL B 9 -4.02 16.88 0.89
N ILE B 10 -3.43 16.44 1.99
CA ILE B 10 -3.49 17.15 3.26
C ILE B 10 -2.05 17.39 3.70
N LEU B 11 -1.63 18.65 3.74
CA LEU B 11 -0.26 19.02 4.07
C LEU B 11 -0.24 20.16 5.08
N PRO B 12 0.82 20.26 5.88
CA PRO B 12 0.93 21.39 6.82
C PRO B 12 1.25 22.68 6.08
N ARG B 13 0.75 23.79 6.62
CA ARG B 13 0.99 25.08 6.00
C ARG B 13 2.48 25.41 5.98
N GLY B 14 2.95 25.96 4.86
CA GLY B 14 4.35 26.26 4.66
C GLY B 14 5.17 25.16 4.04
N GLY B 15 4.55 24.03 3.69
CA GLY B 15 5.24 22.92 3.07
C GLY B 15 5.16 22.96 1.56
N SER B 16 5.54 21.84 0.94
CA SER B 16 5.57 21.72 -0.50
C SER B 16 4.82 20.46 -0.93
N VAL B 17 4.26 20.50 -2.13
CA VAL B 17 3.58 19.35 -2.72
C VAL B 17 3.92 19.31 -4.20
N LEU B 18 3.95 18.12 -4.76
CA LEU B 18 4.30 17.91 -6.17
C LEU B 18 3.09 17.33 -6.88
N VAL B 19 2.51 18.11 -7.79
CA VAL B 19 1.33 17.69 -8.55
C VAL B 19 1.74 17.51 -10.02
N THR B 20 1.09 16.55 -10.69
CA THR B 20 1.43 16.18 -12.04
C THR B 20 0.20 16.23 -12.94
N CYS B 21 0.32 16.91 -14.08
CA CYS B 21 -0.71 16.94 -15.10
C CYS B 21 -0.24 16.13 -16.31
N SER B 22 -1.11 15.26 -16.81
CA SER B 22 -0.79 14.43 -17.97
C SER B 22 -2.04 14.28 -18.84
N THR B 23 -1.82 14.05 -20.13
CA THR B 23 -2.91 13.98 -21.09
C THR B 23 -2.74 12.75 -21.98
N SER B 24 -3.85 12.34 -22.59
CA SER B 24 -3.84 11.17 -23.46
C SER B 24 -3.17 11.47 -24.78
N CYS B 25 -3.38 12.67 -25.31
CA CYS B 25 -2.61 13.13 -26.47
C CYS B 25 -1.13 13.19 -26.11
N ASP B 26 -0.28 12.77 -27.04
CA ASP B 26 1.14 12.74 -26.79
C ASP B 26 1.90 13.89 -27.45
N GLN B 27 1.21 14.76 -28.18
CA GLN B 27 1.72 16.08 -28.52
C GLN B 27 0.58 17.07 -28.35
N PRO B 28 0.31 17.48 -27.12
CA PRO B 28 -0.69 18.53 -26.89
C PRO B 28 -0.10 19.91 -27.10
N LYS B 29 -0.97 20.84 -27.46
CA LYS B 29 -0.53 22.19 -27.80
C LYS B 29 0.09 22.87 -26.58
N LEU B 30 -0.69 22.97 -25.50
CA LEU B 30 -0.23 23.58 -24.26
C LEU B 30 -0.59 22.68 -23.08
N LEU B 31 0.15 22.86 -21.98
CA LEU B 31 -0.04 22.04 -20.80
C LEU B 31 0.50 22.80 -19.59
N GLY B 32 -0.33 22.97 -18.57
CA GLY B 32 0.10 23.67 -17.38
C GLY B 32 -0.95 23.61 -16.30
N ILE B 33 -0.62 24.22 -15.16
CA ILE B 33 -1.51 24.29 -14.01
C ILE B 33 -1.85 25.76 -13.75
N GLU B 34 -3.07 25.99 -13.28
CA GLU B 34 -3.56 27.34 -12.99
C GLU B 34 -3.92 27.41 -11.50
N THR B 35 -3.03 28.02 -10.72
CA THR B 35 -3.23 28.21 -9.29
C THR B 35 -2.46 29.45 -8.86
N PRO B 36 -2.99 30.22 -7.91
CA PRO B 36 -2.25 31.38 -7.40
C PRO B 36 -1.07 31.01 -6.52
N LEU B 37 -0.79 29.73 -6.34
CA LEU B 37 0.31 29.30 -5.49
C LEU B 37 1.64 29.39 -6.22
N PRO B 38 2.72 29.74 -5.52
CA PRO B 38 4.04 29.81 -6.15
C PRO B 38 4.51 28.45 -6.66
N LYS B 39 4.65 28.31 -7.97
CA LYS B 39 5.10 27.08 -8.60
C LYS B 39 6.49 27.24 -9.18
N LYS B 40 7.12 26.11 -9.46
CA LYS B 40 8.48 26.07 -10.01
C LYS B 40 8.57 24.78 -10.84
N GLU B 41 8.50 24.92 -12.17
CA GLU B 41 8.48 23.75 -13.02
C GLU B 41 9.80 23.00 -12.92
N LEU B 42 9.71 21.68 -12.82
CA LEU B 42 10.87 20.81 -12.78
C LEU B 42 10.99 20.13 -14.13
N LEU B 43 12.11 20.34 -14.81
CA LEU B 43 12.23 19.97 -16.21
C LEU B 43 12.47 18.46 -16.35
N LEU B 44 11.53 17.77 -16.98
CA LEU B 44 11.57 16.34 -17.22
C LEU B 44 11.34 16.05 -18.70
N PRO B 45 11.84 14.92 -19.19
CA PRO B 45 11.76 14.66 -20.64
C PRO B 45 10.38 14.29 -21.15
N GLY B 46 9.36 14.38 -20.30
CA GLY B 46 8.00 14.05 -20.72
C GLY B 46 7.38 15.19 -21.52
N ASN B 47 6.86 14.85 -22.71
CA ASN B 47 6.18 15.82 -23.56
C ASN B 47 4.66 15.79 -23.39
N ASN B 48 4.11 14.76 -22.75
CA ASN B 48 2.72 14.74 -22.36
C ASN B 48 2.54 14.77 -20.85
N ARG B 49 3.58 15.19 -20.13
CA ARG B 49 3.58 15.18 -18.67
C ARG B 49 4.44 16.33 -18.17
N LYS B 50 3.87 17.15 -17.29
CA LYS B 50 4.59 18.24 -16.66
C LYS B 50 4.32 18.21 -15.16
N VAL B 51 5.37 18.49 -14.37
CA VAL B 51 5.28 18.46 -12.92
C VAL B 51 5.63 19.84 -12.38
N TYR B 52 5.01 20.19 -11.26
CA TYR B 52 5.20 21.49 -10.65
C TYR B 52 5.37 21.34 -9.14
N GLU B 53 6.29 22.11 -8.58
CA GLU B 53 6.57 22.13 -7.14
C GLU B 53 5.89 23.35 -6.54
N LEU B 54 4.77 23.13 -5.86
CA LEU B 54 4.03 24.22 -5.22
C LEU B 54 4.57 24.42 -3.81
N SER B 55 5.12 25.60 -3.55
CA SER B 55 5.79 25.88 -2.29
C SER B 55 4.95 26.83 -1.43
N ASN B 56 5.08 26.66 -0.12
CA ASN B 56 4.46 27.53 0.87
C ASN B 56 2.95 27.64 0.65
N VAL B 57 2.30 26.48 0.58
CA VAL B 57 0.83 26.45 0.53
C VAL B 57 0.32 26.76 1.92
N GLN B 58 -0.39 27.89 2.05
CA GLN B 58 -0.82 28.36 3.36
C GLN B 58 -2.28 28.09 3.66
N GLU B 59 -3.12 27.95 2.64
CA GLU B 59 -4.55 27.75 2.82
C GLU B 59 -5.03 26.69 1.85
N ASP B 60 -6.33 26.41 1.90
CA ASP B 60 -6.93 25.46 0.96
C ASP B 60 -6.80 25.97 -0.46
N SER B 61 -6.51 25.06 -1.38
CA SER B 61 -6.29 25.42 -2.77
C SER B 61 -6.85 24.33 -3.65
N GLN B 62 -7.46 24.73 -4.77
CA GLN B 62 -8.03 23.80 -5.75
C GLN B 62 -7.51 24.15 -7.13
N PRO B 63 -6.27 23.77 -7.45
CA PRO B 63 -5.74 24.01 -8.79
C PRO B 63 -6.35 23.05 -9.81
N MET B 64 -6.25 23.44 -11.08
CA MET B 64 -6.78 22.65 -12.18
C MET B 64 -5.75 22.53 -13.30
N CYS B 65 -5.71 21.36 -13.94
CA CYS B 65 -4.82 21.13 -15.07
C CYS B 65 -5.56 21.41 -16.37
N TYR B 66 -4.83 21.96 -17.33
CA TYR B 66 -5.35 22.13 -18.68
C TYR B 66 -4.31 21.62 -19.67
N SER B 67 -4.76 20.78 -20.60
CA SER B 67 -3.93 20.25 -21.66
C SER B 67 -4.70 20.33 -22.97
N ASN B 68 -3.98 20.65 -24.05
CA ASN B 68 -4.62 20.95 -25.34
C ASN B 68 -4.49 19.75 -26.28
N CYS B 69 -5.34 18.76 -26.04
CA CYS B 69 -5.47 17.60 -26.91
C CYS B 69 -6.38 17.94 -28.09
N PRO B 70 -5.96 17.64 -29.34
CA PRO B 70 -6.79 17.94 -30.52
C PRO B 70 -8.29 17.64 -30.40
N ASP B 71 -8.67 16.72 -29.52
CA ASP B 71 -10.09 16.43 -29.31
C ASP B 71 -10.81 17.51 -28.51
N GLY B 72 -10.10 18.55 -28.06
CA GLY B 72 -10.74 19.60 -27.28
C GLY B 72 -10.02 19.72 -25.95
N GLN B 73 -9.80 20.98 -25.54
CA GLN B 73 -9.09 21.26 -24.30
C GLN B 73 -9.78 20.60 -23.12
N SER B 74 -9.01 19.79 -22.38
CA SER B 74 -9.53 19.02 -21.26
C SER B 74 -9.00 19.57 -19.94
N THR B 75 -9.79 19.36 -18.89
CA THR B 75 -9.48 19.91 -17.58
C THR B 75 -9.61 18.84 -16.51
N ALA B 76 -8.78 18.98 -15.47
CA ALA B 76 -8.81 18.10 -14.31
C ALA B 76 -8.20 18.85 -13.14
N LYS B 77 -8.84 18.76 -11.97
CA LYS B 77 -8.46 19.55 -10.81
C LYS B 77 -8.15 18.65 -9.62
N THR B 78 -7.35 19.19 -8.70
CA THR B 78 -7.00 18.53 -7.45
C THR B 78 -7.54 19.35 -6.28
N PHE B 79 -7.49 18.77 -5.09
CA PHE B 79 -8.02 19.40 -3.88
C PHE B 79 -6.99 19.30 -2.78
N LEU B 80 -6.47 20.44 -2.33
CA LEU B 80 -5.50 20.50 -1.25
C LEU B 80 -6.17 20.94 0.04
N THR B 81 -5.84 20.27 1.13
CA THR B 81 -6.35 20.59 2.45
C THR B 81 -5.18 20.97 3.35
N VAL B 82 -5.29 22.10 4.03
CA VAL B 82 -4.25 22.57 4.93
C VAL B 82 -4.65 22.24 6.36
N TYR B 83 -3.66 21.91 7.19
CA TYR B 83 -3.90 21.66 8.60
C TYR B 83 -2.81 22.30 9.44
N TRP B 84 -3.20 22.73 10.64
CA TRP B 84 -2.26 23.30 11.60
C TRP B 84 -2.91 23.31 12.97
N THR B 85 -2.07 23.23 14.01
CA THR B 85 -2.59 23.29 15.37
C THR B 85 -3.02 24.71 15.70
N PRO B 86 -4.07 24.88 16.51
CA PRO B 86 -4.55 26.23 16.81
C PRO B 86 -3.48 27.06 17.50
N GLU B 87 -3.49 28.36 17.23
CA GLU B 87 -2.45 29.25 17.71
C GLU B 87 -2.59 29.55 19.20
N ARG B 88 -3.74 30.10 19.61
CA ARG B 88 -3.97 30.47 21.00
C ARG B 88 -5.14 29.68 21.56
N VAL B 89 -4.88 28.89 22.60
CA VAL B 89 -5.91 28.19 23.35
C VAL B 89 -5.82 28.68 24.79
N GLU B 90 -6.91 29.24 25.30
CA GLU B 90 -6.84 29.97 26.56
C GLU B 90 -8.21 29.99 27.22
N LEU B 91 -8.20 30.00 28.55
CA LEU B 91 -9.42 30.09 29.34
C LEU B 91 -9.72 31.55 29.69
N ALA B 92 -10.98 31.79 30.05
CA ALA B 92 -11.41 33.13 30.41
C ALA B 92 -10.70 33.59 31.69
N PRO B 93 -10.37 34.88 31.79
CA PRO B 93 -9.72 35.39 33.01
C PRO B 93 -10.67 35.34 34.20
N LEU B 94 -10.32 34.56 35.21
CA LEU B 94 -11.13 34.36 36.39
C LEU B 94 -10.25 34.37 37.63
N PRO B 95 -10.78 34.80 38.77
CA PRO B 95 -9.99 34.81 40.00
C PRO B 95 -9.82 33.41 40.58
N SER B 96 -8.68 33.21 41.23
CA SER B 96 -8.39 31.92 41.85
C SER B 96 -9.28 31.67 43.06
N TRP B 97 -9.70 32.72 43.75
CA TRP B 97 -10.45 32.59 44.98
C TRP B 97 -11.95 32.62 44.71
N GLN B 98 -12.66 31.59 45.19
CA GLN B 98 -14.10 31.43 45.01
C GLN B 98 -14.70 30.92 46.32
N PRO B 99 -15.84 31.48 46.74
CA PRO B 99 -16.54 30.95 47.91
C PRO B 99 -17.44 29.77 47.54
N VAL B 100 -17.81 29.01 48.56
CA VAL B 100 -18.55 27.77 48.36
C VAL B 100 -19.95 28.08 47.84
N GLY B 101 -20.46 27.22 46.96
CA GLY B 101 -21.82 27.27 46.51
C GLY B 101 -22.09 28.16 45.31
N LYS B 102 -21.15 29.03 44.94
CA LYS B 102 -21.39 29.97 43.86
C LYS B 102 -21.44 29.26 42.51
N ASN B 103 -22.24 29.80 41.61
CA ASN B 103 -22.30 29.31 40.24
C ASN B 103 -21.13 29.92 39.45
N LEU B 104 -20.27 29.07 38.91
CA LEU B 104 -19.08 29.49 38.20
C LEU B 104 -19.21 29.19 36.71
N THR B 105 -18.87 30.16 35.87
CA THR B 105 -18.89 30.02 34.43
C THR B 105 -17.46 30.10 33.89
N LEU B 106 -17.12 29.18 32.98
CA LEU B 106 -15.77 29.07 32.45
C LEU B 106 -15.83 29.06 30.93
N ARG B 107 -15.12 29.99 30.30
CA ARG B 107 -15.03 30.05 28.85
C ARG B 107 -13.64 29.65 28.41
N CYS B 108 -13.56 29.01 27.24
CA CYS B 108 -12.30 28.60 26.65
C CYS B 108 -12.22 29.16 25.24
N GLN B 109 -11.17 29.93 24.98
CA GLN B 109 -10.97 30.56 23.68
C GLN B 109 -10.06 29.67 22.82
N VAL B 110 -10.43 29.48 21.57
CA VAL B 110 -9.68 28.65 20.63
C VAL B 110 -9.43 29.50 19.39
N GLU B 111 -8.24 30.06 19.27
CA GLU B 111 -7.86 30.87 18.12
C GLU B 111 -7.27 29.97 17.04
N GLY B 112 -7.93 29.93 15.88
CA GLY B 112 -7.38 29.17 14.77
C GLY B 112 -7.72 27.69 14.87
N GLY B 113 -6.88 26.86 14.24
CA GLY B 113 -7.14 25.44 14.17
C GLY B 113 -7.83 25.06 12.87
N ALA B 114 -7.16 24.29 12.02
CA ALA B 114 -7.70 23.91 10.73
C ALA B 114 -7.25 22.49 10.39
N PRO B 115 -8.12 21.71 9.72
CA PRO B 115 -9.49 22.09 9.37
C PRO B 115 -10.46 21.97 10.55
N ARG B 116 -11.35 22.95 10.70
CA ARG B 116 -12.31 22.96 11.80
C ARG B 116 -13.29 21.79 11.74
N ALA B 117 -13.37 21.08 10.61
CA ALA B 117 -14.26 19.94 10.53
C ALA B 117 -13.80 18.82 11.45
N ASN B 118 -12.49 18.61 11.54
CA ASN B 118 -11.93 17.52 12.34
C ASN B 118 -11.35 18.01 13.66
N LEU B 119 -11.73 19.21 14.09
CA LEU B 119 -11.19 19.82 15.30
C LEU B 119 -12.31 19.96 16.33
N THR B 120 -12.10 19.37 17.51
CA THR B 120 -13.03 19.48 18.63
C THR B 120 -12.26 19.91 19.87
N VAL B 121 -12.99 20.51 20.82
CA VAL B 121 -12.41 21.02 22.06
C VAL B 121 -13.11 20.37 23.25
N VAL B 122 -12.36 20.18 24.33
CA VAL B 122 -12.85 19.54 25.54
C VAL B 122 -12.51 20.42 26.74
N LEU B 123 -13.47 20.58 27.64
CA LEU B 123 -13.27 21.32 28.88
C LEU B 123 -13.16 20.32 30.01
N LEU B 124 -12.05 20.40 30.75
CA LEU B 124 -11.65 19.33 31.67
C LEU B 124 -11.45 19.86 33.07
N ARG B 125 -11.68 18.98 34.05
CA ARG B 125 -11.27 19.17 35.44
C ARG B 125 -10.31 18.04 35.78
N GLY B 126 -9.03 18.36 35.89
CA GLY B 126 -8.03 17.32 35.97
C GLY B 126 -8.03 16.49 34.70
N GLU B 127 -8.59 15.28 34.76
CA GLU B 127 -8.74 14.44 33.58
C GLU B 127 -10.16 13.91 33.44
N LYS B 128 -11.14 14.69 33.89
CA LYS B 128 -12.55 14.40 33.67
C LYS B 128 -13.16 15.45 32.77
N GLU B 129 -13.96 15.01 31.81
CA GLU B 129 -14.62 15.94 30.90
C GLU B 129 -15.86 16.55 31.55
N LEU B 130 -16.26 17.70 31.01
CA LEU B 130 -17.52 18.33 31.39
C LEU B 130 -18.38 18.67 30.18
N LYS B 131 -17.76 19.18 29.11
CA LYS B 131 -18.44 19.39 27.83
C LYS B 131 -17.45 19.12 26.72
N ARG B 132 -17.95 18.62 25.60
CA ARG B 132 -17.12 18.26 24.45
C ARG B 132 -17.87 18.64 23.19
N GLU B 133 -17.37 19.63 22.47
CA GLU B 133 -18.03 20.21 21.31
C GLU B 133 -17.00 20.56 20.25
N PRO B 134 -17.40 20.59 18.98
CA PRO B 134 -16.47 21.01 17.92
C PRO B 134 -16.19 22.51 17.99
N ALA B 135 -15.13 22.92 17.29
CA ALA B 135 -14.70 24.30 17.28
C ALA B 135 -15.39 25.04 16.13
N VAL B 136 -16.17 26.06 16.46
CA VAL B 136 -16.88 26.87 15.48
C VAL B 136 -16.54 28.34 15.73
N GLY B 137 -16.32 29.09 14.65
CA GLY B 137 -15.99 30.49 14.74
C GLY B 137 -14.57 30.75 15.22
N GLU B 138 -14.06 31.95 15.00
CA GLU B 138 -12.73 32.33 15.46
C GLU B 138 -12.84 33.63 16.25
N PRO B 139 -12.46 33.65 17.53
CA PRO B 139 -12.00 32.46 18.25
C PRO B 139 -13.16 31.56 18.68
N ALA B 140 -12.96 30.24 18.60
CA ALA B 140 -14.01 29.30 18.95
C ALA B 140 -14.36 29.42 20.43
N GLU B 141 -15.60 29.79 20.71
CA GLU B 141 -16.07 30.05 22.06
C GLU B 141 -16.85 28.85 22.57
N VAL B 142 -16.46 28.32 23.72
CA VAL B 142 -17.15 27.21 24.37
C VAL B 142 -17.19 27.48 25.86
N THR B 143 -18.32 27.17 26.49
CA THR B 143 -18.54 27.52 27.88
C THR B 143 -19.21 26.36 28.61
N THR B 144 -19.05 26.35 29.93
CA THR B 144 -19.72 25.41 30.82
C THR B 144 -19.78 26.03 32.20
N THR B 145 -20.68 25.50 33.03
CA THR B 145 -20.93 26.03 34.36
C THR B 145 -20.69 24.94 35.41
N VAL B 146 -19.96 25.29 36.46
CA VAL B 146 -19.63 24.38 37.55
C VAL B 146 -19.97 25.06 38.87
N LEU B 147 -20.60 24.33 39.78
CA LEU B 147 -20.91 24.83 41.10
C LEU B 147 -19.74 24.56 42.05
N VAL B 148 -19.35 25.59 42.80
CA VAL B 148 -18.12 25.53 43.60
C VAL B 148 -18.36 24.66 44.83
N ARG B 149 -17.68 23.52 44.88
CA ARG B 149 -17.64 22.66 46.06
C ARG B 149 -16.20 22.60 46.56
N ARG B 150 -16.02 22.57 47.87
CA ARG B 150 -14.71 22.73 48.47
C ARG B 150 -13.93 21.42 48.59
N ASP B 151 -14.48 20.30 48.13
CA ASP B 151 -13.68 19.08 48.08
C ASP B 151 -12.70 19.08 46.91
N HIS B 152 -12.92 19.94 45.91
CA HIS B 152 -11.98 20.17 44.82
C HIS B 152 -11.12 21.40 45.06
N HIS B 153 -10.83 21.71 46.33
CA HIS B 153 -10.00 22.85 46.68
C HIS B 153 -8.59 22.66 46.16
N GLY B 154 -8.22 23.43 45.14
CA GLY B 154 -6.93 23.27 44.50
C GLY B 154 -6.94 22.40 43.26
N ALA B 155 -8.08 21.83 42.90
CA ALA B 155 -8.16 21.01 41.70
C ALA B 155 -7.85 21.84 40.46
N ASN B 156 -7.18 21.21 39.51
CA ASN B 156 -6.77 21.89 38.28
C ASN B 156 -7.91 21.85 37.26
N PHE B 157 -8.10 22.97 36.55
CA PHE B 157 -9.08 23.10 35.49
C PHE B 157 -8.38 23.57 34.22
N SER B 158 -8.64 22.90 33.10
CA SER B 158 -8.03 23.27 31.83
C SER B 158 -8.91 22.78 30.68
N CYS B 159 -8.72 23.41 29.52
CA CYS B 159 -9.36 22.98 28.29
C CYS B 159 -8.31 22.55 27.28
N ARG B 160 -8.74 21.73 26.32
CA ARG B 160 -7.79 21.06 25.42
C ARG B 160 -8.38 20.96 24.02
N THR B 161 -7.64 21.44 23.03
CA THR B 161 -8.07 21.31 21.65
C THR B 161 -7.56 19.99 21.08
N GLU B 162 -8.33 19.43 20.15
CA GLU B 162 -8.13 18.04 19.74
C GLU B 162 -8.53 17.89 18.28
N LEU B 163 -7.55 17.91 17.38
CA LEU B 163 -7.74 17.71 15.95
C LEU B 163 -7.18 16.36 15.57
N ASP B 164 -8.00 15.53 14.92
CA ASP B 164 -7.59 14.19 14.51
C ASP B 164 -7.52 14.12 12.99
N LEU B 165 -6.39 13.65 12.47
CA LEU B 165 -6.23 13.35 11.06
C LEU B 165 -6.13 11.85 10.82
N ARG B 166 -6.69 11.05 11.74
CA ARG B 166 -6.63 9.60 11.61
C ARG B 166 -7.33 9.07 10.37
N PRO B 167 -8.54 9.51 10.01
CA PRO B 167 -9.18 8.94 8.81
C PRO B 167 -8.43 9.24 7.53
N GLN B 168 -7.74 10.38 7.44
CA GLN B 168 -7.00 10.74 6.25
C GLN B 168 -5.59 10.18 6.23
N GLY B 169 -5.16 9.53 7.30
CA GLY B 169 -3.90 8.80 7.33
C GLY B 169 -2.87 9.31 8.31
N LEU B 170 -3.09 10.44 8.97
CA LEU B 170 -2.07 11.01 9.85
C LEU B 170 -2.42 10.76 11.32
N GLU B 171 -1.78 11.51 12.21
CA GLU B 171 -1.99 11.40 13.65
C GLU B 171 -3.01 12.45 14.11
N LEU B 172 -3.43 12.32 15.37
CA LEU B 172 -4.24 13.34 16.02
C LEU B 172 -3.33 14.21 16.88
N PHE B 173 -3.50 15.53 16.78
CA PHE B 173 -2.67 16.49 17.47
C PHE B 173 -3.54 17.28 18.44
N GLU B 174 -3.02 17.53 19.65
CA GLU B 174 -3.82 18.14 20.69
C GLU B 174 -2.99 19.17 21.46
N ASN B 175 -3.71 20.08 22.13
CA ASN B 175 -3.10 21.19 22.84
C ASN B 175 -3.80 21.38 24.17
N THR B 176 -3.04 21.35 25.27
CA THR B 176 -3.58 21.70 26.56
C THR B 176 -3.39 23.21 26.80
N SER B 177 -4.23 23.76 27.67
CA SER B 177 -4.20 25.18 27.98
C SER B 177 -3.67 25.40 29.39
N ALA B 178 -3.68 26.65 29.82
CA ALA B 178 -3.16 27.00 31.13
C ALA B 178 -4.07 26.44 32.23
N PRO B 179 -3.51 25.83 33.27
CA PRO B 179 -4.34 25.29 34.35
C PRO B 179 -4.74 26.36 35.35
N TYR B 180 -6.01 26.33 35.73
CA TYR B 180 -6.58 27.27 36.69
C TYR B 180 -7.06 26.48 37.90
N GLN B 181 -6.36 26.60 39.02
CA GLN B 181 -6.73 25.94 40.27
C GLN B 181 -7.54 26.90 41.12
N LEU B 182 -8.80 26.54 41.39
CA LEU B 182 -9.65 27.40 42.22
C LEU B 182 -9.38 27.14 43.69
N GLN B 183 -9.47 28.20 44.48
CA GLN B 183 -9.23 28.13 45.93
C GLN B 183 -10.56 28.43 46.63
N THR B 184 -11.22 27.37 47.10
CA THR B 184 -12.53 27.49 47.73
C THR B 184 -12.38 27.85 49.21
N PHE B 185 -13.17 28.83 49.65
CA PHE B 185 -13.15 29.27 51.04
C PHE B 185 -14.58 29.52 51.50
N GLY B 186 -14.76 29.59 52.82
CA GLY B 186 -16.06 29.85 53.40
C GLY B 186 -16.73 28.62 53.95
#